data_4FCE
#
_entry.id   4FCE
#
_cell.length_a   87.571
_cell.length_b   87.571
_cell.length_c   251.368
_cell.angle_alpha   90.00
_cell.angle_beta   90.00
_cell.angle_gamma   120.00
#
_symmetry.space_group_name_H-M   'P 63 2 2'
#
loop_
_entity.id
_entity.type
_entity.pdbx_description
1 polymer 'Bifunctional protein GlmU'
2 non-polymer 'MAGNESIUM ION'
3 non-polymer 2-amino-2-deoxy-1-O-phosphono-alpha-D-glucopyranose
4 non-polymer 1,2-ETHANEDIOL
5 water water
#
_entity_poly.entity_id   1
_entity_poly.type   'polypeptide(L)'
_entity_poly.pdbx_seq_one_letter_code
;SNAMSNSSMSVVILAAGKGTRMYSDLPKVLHPLAGKPMVQHVIDAAMKLGAQHVHLVYGHGGELLKKTLADPSLNWVLQA
EQLGTGHAMQQAAPHFADDEDILMLYGDVPLISVDTLQRLLAAKPEGGIGLLTVKLDNPSGYGRIVRENGDVVGIVEHKD
ASDAQREINEINTGILVANGRDLKRWLSLLDNNNAQGEFYITDIIALAHADGKKIATVHPTRLSEVEGVNNRLQLSALER
VFQTEQAEKLLLAGVMLLDPSRFDLRGELTHGRDITIDTNVIIEGHVILGDRVRIGTGCVLKNCVIGDDSEISPYTVLED
ARLDANCTVGPFARLRPGAELAEGAHVGNFVEIKKARLGKGSKAGHLSYLGDAEIGAGVNIGAGTITCNYDGANKFKTII
GDDVFVGSDTQLVAPVTVANGATIGAGTTVTRDVAENELVISRVKQVHIQGWKRPVKKK
;
_entity_poly.pdbx_strand_id   A
#
# COMPACT_ATOMS: atom_id res chain seq x y z
N SER A 7 -31.89 -1.34 -4.46
CA SER A 7 -31.90 -0.69 -5.77
C SER A 7 -30.48 -0.52 -6.30
N SER A 8 -30.34 0.13 -7.44
CA SER A 8 -29.02 0.37 -8.03
C SER A 8 -28.45 1.66 -7.47
N MET A 9 -27.13 1.81 -7.60
CA MET A 9 -26.41 2.85 -6.88
C MET A 9 -25.13 3.28 -7.61
N SER A 10 -24.85 4.57 -7.56
CA SER A 10 -23.58 5.11 -8.02
C SER A 10 -22.99 6.05 -6.96
N VAL A 11 -21.71 6.37 -7.11
CA VAL A 11 -21.00 7.14 -6.10
C VAL A 11 -20.43 8.42 -6.70
N VAL A 12 -20.50 9.50 -5.93
CA VAL A 12 -19.74 10.71 -6.25
C VAL A 12 -18.66 10.93 -5.21
N ILE A 13 -17.41 10.95 -5.63
CA ILE A 13 -16.28 11.22 -4.76
C ILE A 13 -15.78 12.64 -5.01
N LEU A 14 -15.84 13.48 -4.00
CA LEU A 14 -15.37 14.85 -4.13
C LEU A 14 -13.87 14.91 -3.88
N ALA A 15 -13.14 15.41 -4.86
CA ALA A 15 -11.68 15.43 -4.80
C ALA A 15 -11.13 16.79 -5.25
N ALA A 16 -11.88 17.86 -4.97
CA ALA A 16 -11.60 19.16 -5.58
C ALA A 16 -11.36 20.27 -4.58
N GLY A 17 -11.00 19.91 -3.35
CA GLY A 17 -10.66 20.92 -2.35
C GLY A 17 -9.25 21.45 -2.57
N LYS A 18 -8.95 22.58 -1.94
CA LYS A 18 -7.59 23.09 -1.91
C LYS A 18 -6.86 22.48 -0.71
N GLY A 19 -5.78 21.76 -0.99
CA GLY A 19 -5.00 21.13 0.07
C GLY A 19 -3.85 21.98 0.53
N THR A 20 -4.11 23.26 0.78
CA THR A 20 -3.03 24.19 1.10
C THR A 20 -2.13 23.72 2.26
N ARG A 21 -2.72 23.24 3.34
CA ARG A 21 -1.94 22.84 4.51
C ARG A 21 -1.17 21.51 4.36
N MET A 22 -1.23 20.89 3.19
CA MET A 22 -0.36 19.75 2.89
C MET A 22 1.04 20.22 2.47
N TYR A 23 1.12 21.47 1.99
CA TYR A 23 2.35 22.03 1.45
C TYR A 23 3.01 21.08 0.44
N SER A 24 2.28 20.75 -0.61
CA SER A 24 2.72 19.69 -1.50
C SER A 24 2.40 20.07 -2.91
N ASP A 25 3.19 19.53 -3.83
CA ASP A 25 2.91 19.68 -5.24
C ASP A 25 2.08 18.52 -5.74
N LEU A 26 1.85 17.53 -4.89
CA LEU A 26 1.01 16.40 -5.24
C LEU A 26 -0.43 16.64 -4.74
N PRO A 27 -1.44 16.52 -5.63
CA PRO A 27 -2.82 16.70 -5.19
C PRO A 27 -3.08 15.92 -3.90
N LYS A 28 -3.78 16.56 -2.97
CA LYS A 28 -3.97 16.01 -1.65
C LYS A 28 -4.50 14.57 -1.66
N VAL A 29 -5.50 14.27 -2.49
CA VAL A 29 -6.13 12.96 -2.39
C VAL A 29 -5.21 11.85 -2.92
N LEU A 30 -4.10 12.23 -3.56
CA LEU A 30 -3.14 11.25 -4.03
C LEU A 30 -2.12 10.85 -2.97
N HIS A 31 -2.05 11.59 -1.87
CA HIS A 31 -1.12 11.23 -0.82
C HIS A 31 -1.50 9.86 -0.25
N PRO A 32 -0.51 9.00 -0.07
CA PRO A 32 -0.80 7.60 0.25
C PRO A 32 -1.05 7.33 1.72
N LEU A 33 -1.80 6.26 1.94
CA LEU A 33 -2.01 5.71 3.26
C LEU A 33 -1.81 4.23 3.08
N ALA A 34 -0.88 3.67 3.85
CA ALA A 34 -0.51 2.27 3.69
C ALA A 34 -0.13 1.92 2.24
N GLY A 35 0.57 2.83 1.57
CA GLY A 35 1.07 2.56 0.23
C GLY A 35 0.09 2.84 -0.90
N LYS A 36 -1.10 3.32 -0.56
CA LYS A 36 -2.16 3.48 -1.56
C LYS A 36 -2.73 4.88 -1.44
N PRO A 37 -2.86 5.63 -2.57
CA PRO A 37 -3.52 6.94 -2.50
C PRO A 37 -4.82 6.94 -1.69
N MET A 38 -5.03 7.96 -0.86
CA MET A 38 -6.24 8.06 -0.05
C MET A 38 -7.49 7.82 -0.88
N VAL A 39 -7.57 8.47 -2.03
CA VAL A 39 -8.75 8.39 -2.87
C VAL A 39 -8.99 6.97 -3.38
N GLN A 40 -7.92 6.17 -3.50
CA GLN A 40 -8.07 4.79 -3.97
C GLN A 40 -8.71 3.94 -2.89
N HIS A 41 -8.41 4.21 -1.63
CA HIS A 41 -9.14 3.57 -0.54
C HIS A 41 -10.64 3.79 -0.71
N VAL A 42 -11.00 5.02 -1.04
CA VAL A 42 -12.41 5.40 -1.15
C VAL A 42 -13.04 4.73 -2.36
N ILE A 43 -12.35 4.75 -3.49
CA ILE A 43 -12.81 4.04 -4.70
C ILE A 43 -13.01 2.55 -4.40
N ASP A 44 -12.06 1.94 -3.69
CA ASP A 44 -12.13 0.51 -3.39
C ASP A 44 -13.41 0.21 -2.63
N ALA A 45 -13.72 1.06 -1.66
CA ALA A 45 -14.92 0.88 -0.87
C ALA A 45 -16.14 1.00 -1.77
N ALA A 46 -16.10 1.95 -2.70
CA ALA A 46 -17.23 2.17 -3.60
C ALA A 46 -17.47 0.93 -4.44
N MET A 47 -16.38 0.37 -4.97
CA MET A 47 -16.49 -0.82 -5.80
C MET A 47 -17.05 -1.98 -4.99
N LYS A 48 -16.66 -2.07 -3.73
CA LYS A 48 -17.15 -3.13 -2.85
C LYS A 48 -18.62 -2.97 -2.59
N LEU A 49 -19.09 -1.76 -2.63
CA LEU A 49 -20.51 -1.48 -2.43
C LEU A 49 -21.34 -1.85 -3.65
N GLY A 50 -20.69 -1.98 -4.80
CA GLY A 50 -21.36 -2.35 -6.03
C GLY A 50 -21.79 -1.14 -6.83
N ALA A 51 -21.05 -0.04 -6.69
CA ALA A 51 -21.33 1.17 -7.46
C ALA A 51 -21.30 0.84 -8.95
N GLN A 52 -22.29 1.37 -9.68
CA GLN A 52 -22.36 1.17 -11.13
C GLN A 52 -21.50 2.20 -11.83
N HIS A 53 -21.39 3.38 -11.23
CA HIS A 53 -20.51 4.43 -11.73
C HIS A 53 -19.82 5.08 -10.54
N VAL A 54 -18.57 5.50 -10.73
CA VAL A 54 -17.89 6.36 -9.76
C VAL A 54 -17.61 7.70 -10.43
N HIS A 55 -18.26 8.76 -9.94
CA HIS A 55 -18.05 10.11 -10.47
C HIS A 55 -17.06 10.88 -9.61
N LEU A 56 -15.91 11.19 -10.20
CA LEU A 56 -14.85 11.86 -9.47
C LEU A 56 -14.79 13.33 -9.88
N VAL A 57 -15.09 14.20 -8.93
CA VAL A 57 -15.09 15.64 -9.19
C VAL A 57 -13.74 16.22 -8.81
N TYR A 58 -13.11 16.94 -9.74
CA TYR A 58 -11.79 17.50 -9.45
C TYR A 58 -11.67 18.96 -9.85
N GLY A 59 -10.69 19.64 -9.26
CA GLY A 59 -10.35 21.00 -9.62
C GLY A 59 -9.06 20.98 -10.42
N HIS A 60 -7.93 20.82 -9.74
CA HIS A 60 -6.63 20.77 -10.41
C HIS A 60 -5.96 19.42 -10.23
N GLY A 61 -4.85 19.22 -10.94
CA GLY A 61 -4.13 17.97 -10.89
C GLY A 61 -4.84 16.87 -11.65
N GLY A 62 -5.75 17.27 -12.54
CA GLY A 62 -6.54 16.32 -13.30
C GLY A 62 -5.70 15.37 -14.11
N GLU A 63 -4.58 15.87 -14.64
CA GLU A 63 -3.68 15.07 -15.46
C GLU A 63 -3.09 13.93 -14.64
N LEU A 64 -2.52 14.31 -13.50
CA LEU A 64 -1.87 13.37 -12.62
C LEU A 64 -2.89 12.43 -11.98
N LEU A 65 -4.08 12.97 -11.70
CA LEU A 65 -5.14 12.16 -11.11
C LEU A 65 -5.54 11.03 -12.04
N LYS A 66 -5.80 11.35 -13.31
CA LYS A 66 -6.20 10.34 -14.29
C LYS A 66 -5.07 9.37 -14.60
N LYS A 67 -3.85 9.91 -14.62
CA LYS A 67 -2.65 9.12 -14.85
C LYS A 67 -2.48 8.09 -13.74
N THR A 68 -2.91 8.45 -12.53
CA THR A 68 -2.69 7.60 -11.36
C THR A 68 -3.85 6.62 -11.16
N LEU A 69 -5.07 7.04 -11.48
CA LEU A 69 -6.25 6.23 -11.19
C LEU A 69 -6.95 5.76 -12.47
N ASN A 75 -15.68 8.03 -13.80
CA ASN A 75 -16.10 9.12 -14.69
C ASN A 75 -15.66 10.48 -14.19
N TRP A 76 -14.75 11.09 -14.94
CA TRP A 76 -14.10 12.32 -14.52
C TRP A 76 -14.95 13.55 -14.78
N VAL A 77 -15.08 14.39 -13.75
CA VAL A 77 -16.02 15.51 -13.76
C VAL A 77 -15.33 16.79 -13.29
N LEU A 78 -15.14 17.74 -14.21
CA LEU A 78 -14.40 18.96 -13.90
C LEU A 78 -15.22 19.91 -13.04
N GLN A 79 -14.58 20.49 -12.04
CA GLN A 79 -15.09 21.69 -11.41
C GLN A 79 -14.05 22.77 -11.67
N ALA A 80 -14.33 23.63 -12.64
CA ALA A 80 -13.36 24.62 -13.11
C ALA A 80 -13.04 25.64 -12.01
N GLU A 81 -14.07 26.12 -11.33
CA GLU A 81 -13.89 27.09 -10.25
C GLU A 81 -14.20 26.45 -8.91
N GLN A 82 -13.22 26.48 -8.00
CA GLN A 82 -13.43 25.99 -6.64
C GLN A 82 -14.48 26.84 -5.95
N LEU A 83 -15.74 26.57 -6.26
CA LEU A 83 -16.86 27.34 -5.70
C LEU A 83 -17.64 26.56 -4.63
N GLY A 84 -17.07 25.45 -4.17
CA GLY A 84 -17.65 24.73 -3.06
C GLY A 84 -18.31 23.40 -3.42
N THR A 85 -18.75 22.69 -2.39
CA THR A 85 -19.27 21.33 -2.52
C THR A 85 -20.62 21.27 -3.23
N GLY A 86 -21.53 22.17 -2.85
CA GLY A 86 -22.80 22.28 -3.53
C GLY A 86 -22.56 22.46 -5.02
N HIS A 87 -21.71 23.42 -5.36
CA HIS A 87 -21.40 23.70 -6.74
C HIS A 87 -20.77 22.48 -7.37
N ALA A 88 -19.89 21.82 -6.62
CA ALA A 88 -19.23 20.63 -7.11
C ALA A 88 -20.29 19.59 -7.51
N MET A 89 -21.28 19.39 -6.65
CA MET A 89 -22.30 18.39 -6.89
C MET A 89 -23.17 18.80 -8.07
N GLN A 90 -23.40 20.11 -8.21
CA GLN A 90 -24.15 20.62 -9.35
C GLN A 90 -23.47 20.20 -10.64
N GLN A 91 -22.15 20.12 -10.62
CA GLN A 91 -21.38 19.75 -11.81
C GLN A 91 -21.57 18.27 -12.17
N ALA A 92 -21.79 17.44 -11.16
CA ALA A 92 -21.95 16.00 -11.38
C ALA A 92 -23.42 15.63 -11.62
N ALA A 93 -24.33 16.49 -11.18
CA ALA A 93 -25.74 16.15 -11.13
C ALA A 93 -26.29 15.65 -12.48
N PRO A 94 -25.90 16.28 -13.59
CA PRO A 94 -26.39 15.82 -14.90
C PRO A 94 -26.02 14.37 -15.21
N HIS A 95 -25.04 13.82 -14.51
CA HIS A 95 -24.61 12.45 -14.75
C HIS A 95 -25.39 11.45 -13.89
N PHE A 96 -26.20 11.95 -12.97
CA PHE A 96 -26.99 11.07 -12.10
C PHE A 96 -28.19 10.51 -12.86
N ALA A 97 -28.46 9.23 -12.66
CA ALA A 97 -29.69 8.64 -13.19
C ALA A 97 -30.83 8.90 -12.23
N ASP A 98 -32.00 9.22 -12.79
CA ASP A 98 -33.18 9.46 -11.99
C ASP A 98 -33.56 8.24 -11.16
N ASP A 99 -33.13 7.07 -11.62
CA ASP A 99 -33.56 5.81 -11.01
C ASP A 99 -32.47 5.10 -10.20
N GLU A 100 -31.44 5.84 -9.79
CA GLU A 100 -30.38 5.25 -8.94
C GLU A 100 -30.16 6.07 -7.66
N ASP A 101 -29.64 5.40 -6.64
CA ASP A 101 -29.20 6.08 -5.43
C ASP A 101 -27.83 6.68 -5.69
N ILE A 102 -27.57 7.84 -5.10
CA ILE A 102 -26.28 8.49 -5.26
C ILE A 102 -25.64 8.68 -3.88
N LEU A 103 -24.46 8.08 -3.72
CA LEU A 103 -23.73 8.20 -2.47
C LEU A 103 -22.59 9.19 -2.64
N MET A 104 -22.53 10.14 -1.72
CA MET A 104 -21.57 11.22 -1.74
C MET A 104 -20.44 10.89 -0.78
N LEU A 105 -19.21 10.79 -1.29
CA LEU A 105 -18.05 10.53 -0.43
C LEU A 105 -16.97 11.55 -0.71
N TYR A 106 -15.96 11.56 0.16
CA TYR A 106 -14.85 12.50 0.03
C TYR A 106 -13.54 11.77 -0.20
N GLY A 107 -12.73 12.29 -1.12
CA GLY A 107 -11.46 11.66 -1.46
C GLY A 107 -10.42 11.73 -0.33
N ASP A 108 -10.65 12.59 0.65
CA ASP A 108 -9.70 12.74 1.77
C ASP A 108 -10.24 12.21 3.10
N VAL A 109 -11.21 11.29 3.03
CA VAL A 109 -11.71 10.59 4.21
C VAL A 109 -11.55 9.09 3.92
N PRO A 110 -10.33 8.58 4.12
CA PRO A 110 -9.96 7.28 3.53
C PRO A 110 -10.41 6.04 4.29
N LEU A 111 -10.82 6.17 5.55
CA LEU A 111 -11.09 4.97 6.35
C LEU A 111 -12.56 4.68 6.49
N ILE A 112 -13.41 5.37 5.73
CA ILE A 112 -14.83 5.06 5.77
C ILE A 112 -15.07 3.57 5.43
N SER A 113 -15.81 2.85 6.29
CA SER A 113 -15.94 1.40 6.10
C SER A 113 -17.16 1.03 5.28
N VAL A 114 -17.05 -0.09 4.57
CA VAL A 114 -18.15 -0.60 3.78
C VAL A 114 -19.36 -0.88 4.67
N ASP A 115 -19.11 -1.33 5.90
CA ASP A 115 -20.22 -1.65 6.79
C ASP A 115 -21.06 -0.43 7.06
N THR A 116 -20.38 0.65 7.46
CA THR A 116 -21.04 1.92 7.73
C THR A 116 -21.86 2.38 6.52
N LEU A 117 -21.24 2.36 5.34
CA LEU A 117 -21.94 2.78 4.13
C LEU A 117 -23.15 1.90 3.79
N GLN A 118 -23.05 0.59 4.06
CA GLN A 118 -24.14 -0.31 3.78
C GLN A 118 -25.32 0.01 4.68
N ARG A 119 -25.02 0.29 5.94
CA ARG A 119 -26.05 0.67 6.90
C ARG A 119 -26.65 2.01 6.50
N LEU A 120 -25.82 2.89 5.97
CA LEU A 120 -26.28 4.19 5.51
C LEU A 120 -27.29 4.03 4.36
N LEU A 121 -26.92 3.23 3.37
CA LEU A 121 -27.82 2.95 2.23
C LEU A 121 -29.10 2.28 2.70
N ALA A 122 -29.02 1.42 3.71
CA ALA A 122 -30.21 0.73 4.22
C ALA A 122 -31.16 1.68 4.93
N ALA A 123 -30.62 2.74 5.53
CA ALA A 123 -31.42 3.66 6.35
C ALA A 123 -32.12 4.77 5.56
N LYS A 124 -31.73 4.97 4.31
CA LYS A 124 -32.32 6.04 3.50
C LYS A 124 -33.83 5.82 3.33
N PRO A 125 -34.64 6.76 3.84
CA PRO A 125 -36.10 6.62 3.64
C PRO A 125 -36.51 6.92 2.20
N GLU A 126 -37.49 6.17 1.72
CA GLU A 126 -38.01 6.39 0.37
C GLU A 126 -38.27 7.89 0.15
N GLY A 127 -37.69 8.42 -0.91
CA GLY A 127 -37.90 9.82 -1.28
C GLY A 127 -37.08 10.81 -0.49
N GLY A 128 -36.33 10.33 0.50
CA GLY A 128 -35.62 11.21 1.42
C GLY A 128 -34.10 11.09 1.34
N ILE A 129 -33.46 11.14 2.50
CA ILE A 129 -32.00 11.15 2.58
C ILE A 129 -31.47 10.27 3.72
N GLY A 130 -30.35 9.60 3.44
CA GLY A 130 -29.58 8.94 4.47
C GLY A 130 -28.38 9.83 4.76
N LEU A 131 -28.18 10.16 6.04
CA LEU A 131 -27.10 11.06 6.43
C LEU A 131 -26.24 10.45 7.51
N LEU A 132 -24.93 10.39 7.26
CA LEU A 132 -24.01 9.87 8.26
C LEU A 132 -23.60 10.99 9.19
N THR A 133 -23.80 10.78 10.48
CA THR A 133 -23.43 11.79 11.47
C THR A 133 -22.63 11.12 12.58
N VAL A 134 -21.96 11.94 13.37
CA VAL A 134 -21.16 11.43 14.47
C VAL A 134 -21.22 12.40 15.65
N LYS A 135 -21.18 11.85 16.85
CA LYS A 135 -21.23 12.67 18.06
C LYS A 135 -19.82 12.83 18.59
N LEU A 136 -19.38 14.08 18.72
CA LEU A 136 -18.04 14.39 19.17
C LEU A 136 -18.01 15.06 20.54
N ASP A 137 -16.98 14.76 21.32
CA ASP A 137 -16.77 15.42 22.60
C ASP A 137 -16.58 16.92 22.39
N ASN A 138 -15.82 17.29 21.36
CA ASN A 138 -15.72 18.69 20.97
C ASN A 138 -16.16 18.88 19.51
N PRO A 139 -17.39 19.36 19.32
CA PRO A 139 -17.94 19.54 17.96
C PRO A 139 -17.49 20.84 17.31
N SER A 140 -16.62 21.58 18.00
CA SER A 140 -16.20 22.90 17.51
C SER A 140 -15.68 22.84 16.07
N GLY A 141 -16.18 23.75 15.24
CA GLY A 141 -15.75 23.86 13.86
C GLY A 141 -16.54 22.98 12.89
N TYR A 142 -17.42 22.14 13.42
CA TYR A 142 -18.17 21.20 12.59
C TYR A 142 -19.60 21.67 12.39
N GLY A 143 -20.22 21.19 11.30
CA GLY A 143 -21.63 21.40 11.07
C GLY A 143 -22.46 20.69 12.12
N ARG A 144 -23.42 21.39 12.70
CA ARG A 144 -24.27 20.80 13.74
C ARG A 144 -25.54 20.24 13.11
N ILE A 145 -25.95 19.07 13.59
CA ILE A 145 -27.21 18.47 13.15
C ILE A 145 -28.36 19.06 13.96
N VAL A 146 -29.29 19.72 13.26
CA VAL A 146 -30.45 20.35 13.91
C VAL A 146 -31.66 19.42 13.89
N ARG A 147 -32.14 19.05 15.07
CA ARG A 147 -33.32 18.20 15.16
C ARG A 147 -34.49 18.92 15.84
N GLU A 148 -35.68 18.67 15.33
CA GLU A 148 -36.91 19.11 15.99
C GLU A 148 -37.70 17.87 16.37
N ASN A 149 -38.01 17.75 17.66
CA ASN A 149 -38.65 16.56 18.21
C ASN A 149 -38.04 15.25 17.69
N GLY A 150 -36.72 15.20 17.63
CA GLY A 150 -36.02 13.96 17.31
C GLY A 150 -35.70 13.76 15.84
N ASP A 151 -36.39 14.48 14.97
CA ASP A 151 -36.18 14.34 13.53
C ASP A 151 -35.22 15.39 13.00
N VAL A 152 -34.30 14.97 12.13
CA VAL A 152 -33.40 15.88 11.46
C VAL A 152 -34.16 16.81 10.51
N VAL A 153 -33.96 18.11 10.64
CA VAL A 153 -34.58 19.11 9.76
C VAL A 153 -33.55 20.02 9.08
N GLY A 154 -32.33 20.04 9.63
CA GLY A 154 -31.37 21.06 9.29
C GLY A 154 -29.92 20.69 9.61
N ILE A 155 -28.99 21.38 8.97
CA ILE A 155 -27.60 21.40 9.39
C ILE A 155 -27.18 22.86 9.47
N VAL A 156 -26.51 23.23 10.54
CA VAL A 156 -26.03 24.59 10.71
C VAL A 156 -24.52 24.54 10.84
N GLU A 157 -23.82 25.24 9.95
CA GLU A 157 -22.38 25.26 10.02
C GLU A 157 -21.95 26.02 11.28
N HIS A 158 -20.80 25.65 11.83
CA HIS A 158 -20.33 26.24 13.07
C HIS A 158 -20.37 27.77 13.04
N LYS A 159 -19.72 28.34 12.02
CA LYS A 159 -19.61 29.79 11.87
C LYS A 159 -20.95 30.51 11.99
N ASP A 160 -21.99 29.94 11.39
CA ASP A 160 -23.30 30.57 11.36
C ASP A 160 -24.21 30.10 12.51
N ALA A 161 -23.66 29.22 13.35
CA ALA A 161 -24.43 28.68 14.48
C ALA A 161 -24.44 29.64 15.68
N SER A 162 -25.55 29.65 16.41
CA SER A 162 -25.69 30.45 17.62
C SER A 162 -25.04 29.73 18.79
N ASP A 163 -24.91 30.41 19.92
CA ASP A 163 -24.28 29.81 21.09
C ASP A 163 -25.09 28.59 21.56
N ALA A 164 -26.41 28.69 21.47
CA ALA A 164 -27.28 27.58 21.84
C ALA A 164 -27.08 26.40 20.90
N GLN A 165 -26.96 26.68 19.60
CA GLN A 165 -26.80 25.63 18.60
C GLN A 165 -25.45 24.92 18.78
N ARG A 166 -24.44 25.69 19.18
CA ARG A 166 -23.07 25.16 19.29
C ARG A 166 -22.91 24.13 20.41
N GLU A 167 -23.95 23.99 21.23
CA GLU A 167 -23.93 22.99 22.29
C GLU A 167 -24.27 21.60 21.75
N ILE A 168 -24.79 21.59 20.53
CA ILE A 168 -25.10 20.33 19.85
C ILE A 168 -23.79 19.57 19.58
N ASN A 169 -23.78 18.27 19.92
CA ASN A 169 -22.57 17.45 19.79
C ASN A 169 -22.61 16.56 18.54
N GLU A 170 -23.79 16.35 18.01
CA GLU A 170 -23.96 15.54 16.80
C GLU A 170 -23.66 16.39 15.58
N ILE A 171 -22.66 15.98 14.80
CA ILE A 171 -22.18 16.77 13.68
C ILE A 171 -22.20 16.04 12.34
N ASN A 172 -22.12 16.86 11.29
CA ASN A 172 -22.24 16.41 9.92
C ASN A 172 -20.91 15.87 9.42
N THR A 173 -20.92 14.66 8.88
CA THR A 173 -19.72 14.09 8.30
C THR A 173 -19.66 14.44 6.82
N GLY A 174 -20.78 14.90 6.26
CA GLY A 174 -20.84 15.26 4.87
C GLY A 174 -21.13 14.07 3.96
N ILE A 175 -21.19 12.88 4.54
CA ILE A 175 -21.51 11.67 3.78
C ILE A 175 -23.00 11.39 3.81
N LEU A 176 -23.60 11.23 2.62
CA LEU A 176 -25.04 11.06 2.54
C LEU A 176 -25.45 10.37 1.24
N VAL A 177 -26.68 9.87 1.23
CA VAL A 177 -27.24 9.20 0.05
C VAL A 177 -28.68 9.67 -0.21
N ALA A 178 -29.00 9.85 -1.50
CA ALA A 178 -30.34 10.25 -1.93
C ALA A 178 -30.56 9.73 -3.34
N ASN A 179 -31.82 9.49 -3.70
CA ASN A 179 -32.18 9.16 -5.06
C ASN A 179 -31.76 10.29 -6.02
N GLY A 180 -31.32 9.91 -7.21
CA GLY A 180 -30.80 10.85 -8.19
C GLY A 180 -31.77 11.94 -8.59
N ARG A 181 -33.01 11.57 -8.86
CA ARG A 181 -34.01 12.55 -9.27
C ARG A 181 -34.19 13.57 -8.14
N ASP A 182 -34.38 13.06 -6.92
CA ASP A 182 -34.57 13.92 -5.75
C ASP A 182 -33.37 14.85 -5.57
N LEU A 183 -32.18 14.27 -5.61
CA LEU A 183 -30.96 15.02 -5.41
C LEU A 183 -30.84 16.15 -6.44
N LYS A 184 -31.07 15.85 -7.71
CA LYS A 184 -30.95 16.85 -8.76
C LYS A 184 -31.88 18.02 -8.49
N ARG A 185 -33.04 17.73 -7.92
CA ARG A 185 -34.01 18.77 -7.62
C ARG A 185 -33.46 19.67 -6.51
N TRP A 186 -33.06 19.06 -5.40
CA TRP A 186 -32.57 19.81 -4.27
C TRP A 186 -31.34 20.66 -4.62
N LEU A 187 -30.46 20.11 -5.45
CA LEU A 187 -29.28 20.87 -5.89
C LEU A 187 -29.66 22.08 -6.73
N SER A 188 -30.75 21.97 -7.48
CA SER A 188 -31.20 23.06 -8.35
C SER A 188 -31.73 24.24 -7.54
N LEU A 189 -32.15 23.96 -6.31
CA LEU A 189 -32.79 24.96 -5.46
C LEU A 189 -31.82 25.66 -4.51
N LEU A 190 -30.54 25.30 -4.57
CA LEU A 190 -29.53 25.93 -3.71
C LEU A 190 -29.33 27.42 -4.03
N ASP A 191 -29.12 28.21 -2.99
CA ASP A 191 -28.92 29.66 -3.16
C ASP A 191 -27.46 30.05 -2.88
N ASN A 192 -26.92 30.90 -3.76
CA ASN A 192 -25.52 31.31 -3.67
C ASN A 192 -25.36 32.75 -3.19
N ASN A 193 -26.47 33.47 -3.08
CA ASN A 193 -26.44 34.86 -2.65
C ASN A 193 -26.23 34.93 -1.14
N ASN A 194 -24.98 34.94 -0.72
CA ASN A 194 -24.65 35.01 0.71
C ASN A 194 -23.20 35.43 0.96
N ALA A 195 -22.86 35.62 2.24
CA ALA A 195 -21.57 36.18 2.64
C ALA A 195 -20.35 35.41 2.11
N GLN A 196 -20.57 34.22 1.54
CA GLN A 196 -19.47 33.43 1.01
C GLN A 196 -19.56 33.28 -0.52
N GLY A 197 -20.69 33.66 -1.09
CA GLY A 197 -20.87 33.62 -2.53
C GLY A 197 -20.96 32.21 -3.09
N GLU A 198 -21.17 31.24 -2.20
CA GLU A 198 -21.15 29.83 -2.61
C GLU A 198 -22.45 29.13 -2.26
N PHE A 199 -22.73 28.03 -2.95
CA PHE A 199 -23.82 27.14 -2.59
C PHE A 199 -23.33 26.21 -1.48
N TYR A 200 -24.11 26.10 -0.42
CA TYR A 200 -23.77 25.19 0.68
C TYR A 200 -24.48 23.85 0.49
N ILE A 201 -23.72 22.79 0.26
CA ILE A 201 -24.31 21.47 0.09
C ILE A 201 -25.27 21.13 1.24
N THR A 202 -24.92 21.54 2.44
CA THR A 202 -25.68 21.19 3.63
C THR A 202 -27.13 21.68 3.60
N ASP A 203 -27.44 22.63 2.73
CA ASP A 203 -28.80 23.15 2.68
C ASP A 203 -29.79 22.13 2.13
N ILE A 204 -29.30 21.06 1.48
CA ILE A 204 -30.23 20.13 0.83
C ILE A 204 -31.07 19.32 1.82
N ILE A 205 -30.57 19.14 3.04
CA ILE A 205 -31.37 18.45 4.04
C ILE A 205 -32.56 19.36 4.49
N ALA A 206 -32.34 20.66 4.60
CA ALA A 206 -33.44 21.57 4.92
C ALA A 206 -34.43 21.59 3.76
N LEU A 207 -33.90 21.49 2.54
CA LEU A 207 -34.74 21.47 1.34
C LEU A 207 -35.52 20.17 1.23
N ALA A 208 -34.92 19.06 1.64
CA ALA A 208 -35.62 17.78 1.64
C ALA A 208 -36.76 17.86 2.65
N HIS A 209 -36.48 18.47 3.81
CA HIS A 209 -37.47 18.65 4.85
C HIS A 209 -38.62 19.52 4.33
N ALA A 210 -38.28 20.59 3.63
CA ALA A 210 -39.29 21.47 3.05
C ALA A 210 -40.29 20.68 2.22
N ASP A 211 -39.79 19.70 1.47
CA ASP A 211 -40.65 18.86 0.64
C ASP A 211 -41.41 17.83 1.47
N GLY A 212 -41.18 17.82 2.78
CA GLY A 212 -41.84 16.86 3.66
C GLY A 212 -41.22 15.47 3.60
N LYS A 213 -39.97 15.39 3.17
CA LYS A 213 -39.26 14.10 3.12
C LYS A 213 -38.43 13.87 4.39
N LYS A 214 -38.13 12.59 4.67
CA LYS A 214 -37.40 12.21 5.88
C LYS A 214 -35.89 12.17 5.66
N ILE A 215 -35.14 12.63 6.66
CA ILE A 215 -33.69 12.43 6.69
C ILE A 215 -33.33 11.52 7.85
N ALA A 216 -33.01 10.26 7.54
CA ALA A 216 -32.56 9.31 8.54
C ALA A 216 -31.05 9.40 8.72
N THR A 217 -30.57 9.06 9.91
CA THR A 217 -29.15 9.09 10.20
C THR A 217 -28.65 7.75 10.72
N VAL A 218 -27.39 7.48 10.45
CA VAL A 218 -26.67 6.38 11.09
C VAL A 218 -25.29 6.93 11.48
N HIS A 219 -24.57 6.16 12.28
CA HIS A 219 -23.29 6.60 12.83
C HIS A 219 -22.25 5.60 12.42
N PRO A 220 -21.00 6.07 12.28
CA PRO A 220 -19.90 5.13 12.05
C PRO A 220 -19.63 4.36 13.33
N THR A 221 -18.88 3.28 13.19
CA THR A 221 -18.48 2.48 14.35
C THR A 221 -17.30 3.14 15.05
N ARG A 222 -16.36 3.67 14.26
CA ARG A 222 -15.17 4.33 14.78
C ARG A 222 -15.09 5.77 14.29
N LEU A 223 -14.59 6.67 15.13
CA LEU A 223 -14.44 8.07 14.74
C LEU A 223 -13.49 8.23 13.55
N SER A 224 -12.46 7.40 13.52
CA SER A 224 -11.45 7.45 12.47
C SER A 224 -12.05 7.24 11.07
N GLU A 225 -13.23 6.63 11.00
CA GLU A 225 -13.88 6.34 9.71
C GLU A 225 -14.26 7.59 8.96
N VAL A 226 -14.50 8.67 9.69
CA VAL A 226 -15.00 9.90 9.08
C VAL A 226 -14.08 11.07 9.28
N GLU A 227 -12.87 10.77 9.73
CA GLU A 227 -11.83 11.80 9.82
C GLU A 227 -11.24 12.16 8.46
N GLY A 228 -11.20 13.46 8.18
CA GLY A 228 -10.67 13.98 6.93
C GLY A 228 -9.22 14.41 7.07
N VAL A 229 -8.49 14.37 5.97
CA VAL A 229 -7.09 14.77 5.97
C VAL A 229 -6.92 16.13 5.30
N ASN A 230 -6.39 17.09 6.06
CA ASN A 230 -6.10 18.43 5.58
C ASN A 230 -4.61 18.76 5.68
N ASN A 231 -3.90 18.00 6.53
CA ASN A 231 -2.48 18.18 6.72
C ASN A 231 -1.82 16.83 7.05
N ARG A 232 -0.50 16.79 7.05
CA ARG A 232 0.20 15.53 7.14
C ARG A 232 0.19 14.94 8.54
N LEU A 233 -0.01 15.77 9.56
CA LEU A 233 -0.17 15.27 10.91
C LEU A 233 -1.43 14.41 10.99
N GLN A 234 -2.51 14.88 10.38
CA GLN A 234 -3.75 14.13 10.38
C GLN A 234 -3.61 12.83 9.57
N LEU A 235 -2.88 12.87 8.46
CA LEU A 235 -2.63 11.67 7.66
C LEU A 235 -1.84 10.64 8.47
N SER A 236 -0.83 11.11 9.21
CA SER A 236 -0.03 10.20 10.02
C SER A 236 -0.83 9.51 11.11
N ALA A 237 -1.79 10.21 11.72
CA ALA A 237 -2.63 9.57 12.72
C ALA A 237 -3.45 8.46 12.08
N LEU A 238 -3.98 8.72 10.89
CA LEU A 238 -4.78 7.71 10.23
C LEU A 238 -3.94 6.51 9.79
N GLU A 239 -2.70 6.78 9.40
CA GLU A 239 -1.75 5.73 9.04
C GLU A 239 -1.55 4.79 10.24
N ARG A 240 -1.37 5.34 11.43
CA ARG A 240 -1.15 4.50 12.62
C ARG A 240 -2.40 3.71 13.00
N VAL A 241 -3.57 4.34 12.89
CA VAL A 241 -4.84 3.66 13.14
C VAL A 241 -4.97 2.46 12.20
N PHE A 242 -4.73 2.69 10.92
CA PHE A 242 -4.85 1.64 9.92
C PHE A 242 -3.84 0.49 10.13
N GLN A 243 -2.60 0.83 10.42
CA GLN A 243 -1.58 -0.19 10.67
C GLN A 243 -1.91 -1.02 11.90
N THR A 244 -2.43 -0.36 12.94
CA THR A 244 -2.78 -1.08 14.16
C THR A 244 -3.92 -2.07 13.84
N GLU A 245 -4.92 -1.62 13.08
CA GLU A 245 -6.01 -2.50 12.67
C GLU A 245 -5.50 -3.72 11.92
N GLN A 246 -4.62 -3.50 10.95
CA GLN A 246 -4.05 -4.60 10.19
C GLN A 246 -3.27 -5.56 11.07
N ALA A 247 -2.44 -4.99 11.94
CA ALA A 247 -1.65 -5.81 12.87
C ALA A 247 -2.52 -6.67 13.78
N GLU A 248 -3.59 -6.07 14.33
CA GLU A 248 -4.45 -6.83 15.20
C GLU A 248 -5.17 -7.95 14.48
N LYS A 249 -5.59 -7.72 13.24
CA LYS A 249 -6.22 -8.80 12.48
C LYS A 249 -5.28 -9.98 12.24
N LEU A 250 -4.03 -9.66 11.94
CA LEU A 250 -3.00 -10.67 11.69
C LEU A 250 -2.73 -11.51 12.93
N LEU A 251 -2.63 -10.86 14.09
CA LEU A 251 -2.48 -11.58 15.36
C LEU A 251 -3.66 -12.53 15.61
N LEU A 252 -4.88 -12.02 15.49
CA LEU A 252 -6.07 -12.84 15.68
C LEU A 252 -6.15 -13.98 14.66
N ALA A 253 -5.54 -13.77 13.50
CA ALA A 253 -5.53 -14.79 12.46
C ALA A 253 -4.39 -15.81 12.66
N GLY A 254 -3.50 -15.55 13.61
CA GLY A 254 -2.50 -16.53 13.97
C GLY A 254 -1.07 -16.19 13.60
N VAL A 255 -0.80 -14.93 13.20
CA VAL A 255 0.57 -14.52 12.94
C VAL A 255 1.12 -13.89 14.20
N MET A 256 2.29 -14.35 14.64
CA MET A 256 2.89 -13.78 15.85
C MET A 256 3.74 -12.57 15.51
N LEU A 257 3.20 -11.39 15.80
CA LEU A 257 3.95 -10.16 15.68
C LEU A 257 4.54 -9.85 17.06
N LEU A 258 5.86 -9.79 17.15
CA LEU A 258 6.53 -9.61 18.44
C LEU A 258 6.37 -8.18 18.96
N ASP A 259 6.04 -7.26 18.08
CA ASP A 259 5.56 -5.96 18.49
C ASP A 259 4.67 -5.38 17.41
N PRO A 260 3.34 -5.45 17.61
CA PRO A 260 2.42 -4.95 16.58
C PRO A 260 2.45 -3.43 16.36
N SER A 261 3.01 -2.67 17.29
CA SER A 261 3.18 -1.23 17.08
C SER A 261 4.40 -0.92 16.21
N ARG A 262 5.19 -1.95 15.92
CA ARG A 262 6.37 -1.80 15.09
C ARG A 262 6.28 -2.77 13.94
N PHE A 263 5.17 -2.70 13.23
CA PHE A 263 4.91 -3.56 12.09
C PHE A 263 4.13 -2.71 11.10
N ASP A 264 4.53 -2.75 9.83
CA ASP A 264 3.80 -2.06 8.77
C ASP A 264 3.53 -2.95 7.59
N LEU A 265 2.28 -2.91 7.16
CA LEU A 265 1.83 -3.60 5.97
C LEU A 265 1.31 -2.57 4.97
N ARG A 266 1.91 -2.55 3.78
CA ARG A 266 1.55 -1.65 2.71
C ARG A 266 1.26 -2.45 1.46
N GLY A 267 0.14 -3.17 1.50
CA GLY A 267 -0.26 -4.07 0.42
C GLY A 267 -1.02 -5.21 1.07
N GLU A 268 -0.63 -6.43 0.74
CA GLU A 268 -1.33 -7.59 1.24
C GLU A 268 -0.35 -8.65 1.69
N LEU A 269 -0.70 -9.36 2.76
CA LEU A 269 0.07 -10.46 3.26
C LEU A 269 -0.80 -11.72 3.24
N THR A 270 -0.45 -12.69 2.39
CA THR A 270 -1.04 -14.02 2.43
C THR A 270 -0.11 -14.91 3.26
N HIS A 271 -0.63 -15.56 4.29
CA HIS A 271 0.23 -16.29 5.22
C HIS A 271 -0.31 -17.64 5.64
N GLY A 272 0.64 -18.50 6.02
CA GLY A 272 0.33 -19.78 6.61
C GLY A 272 0.30 -19.69 8.13
N ARG A 273 0.64 -20.82 8.74
CA ARG A 273 0.47 -21.07 10.16
C ARG A 273 1.80 -20.98 10.94
N ASP A 274 1.76 -20.48 12.17
CA ASP A 274 2.92 -20.42 13.05
C ASP A 274 4.10 -19.59 12.51
N ILE A 275 3.77 -18.49 11.88
CA ILE A 275 4.76 -17.52 11.45
C ILE A 275 5.12 -16.61 12.63
N THR A 276 6.38 -16.25 12.72
CA THR A 276 6.82 -15.24 13.68
C THR A 276 7.52 -14.09 12.93
N ILE A 277 7.04 -12.88 13.16
CA ILE A 277 7.64 -11.66 12.61
C ILE A 277 8.10 -10.76 13.77
N ASP A 278 9.38 -10.47 13.78
CA ASP A 278 10.00 -9.63 14.82
C ASP A 278 9.77 -8.13 14.57
N THR A 279 10.35 -7.30 15.42
CA THR A 279 10.06 -5.87 15.36
C THR A 279 10.54 -5.18 14.07
N ASN A 280 9.85 -4.12 13.69
CA ASN A 280 10.31 -3.21 12.62
C ASN A 280 10.40 -3.86 11.23
N VAL A 281 9.44 -4.72 10.94
CA VAL A 281 9.35 -5.34 9.64
C VAL A 281 8.35 -4.55 8.81
N ILE A 282 8.67 -4.39 7.55
CA ILE A 282 7.81 -3.70 6.58
C ILE A 282 7.52 -4.66 5.44
N ILE A 283 6.23 -4.88 5.21
CA ILE A 283 5.75 -5.74 4.14
C ILE A 283 5.09 -4.84 3.08
N GLU A 284 5.57 -4.92 1.84
CA GLU A 284 5.04 -4.09 0.76
C GLU A 284 4.61 -4.93 -0.45
N GLY A 285 3.68 -4.39 -1.23
CA GLY A 285 3.16 -5.12 -2.40
C GLY A 285 2.34 -6.29 -1.91
N HIS A 286 2.51 -7.45 -2.53
CA HIS A 286 1.85 -8.67 -2.07
C HIS A 286 2.89 -9.70 -1.72
N VAL A 287 2.90 -10.10 -0.45
CA VAL A 287 3.88 -11.06 0.04
C VAL A 287 3.15 -12.32 0.48
N ILE A 288 3.73 -13.47 0.15
CA ILE A 288 3.19 -14.76 0.52
C ILE A 288 4.19 -15.49 1.39
N LEU A 289 3.75 -15.87 2.60
CA LEU A 289 4.59 -16.60 3.54
C LEU A 289 4.00 -17.97 3.84
N GLY A 290 4.81 -19.01 3.72
CA GLY A 290 4.40 -20.36 4.10
C GLY A 290 4.36 -20.57 5.60
N ASP A 291 4.18 -21.81 6.01
CA ASP A 291 4.09 -22.15 7.42
C ASP A 291 5.45 -22.01 8.08
N ARG A 292 5.43 -21.58 9.33
CA ARG A 292 6.60 -21.62 10.21
C ARG A 292 7.76 -20.74 9.71
N VAL A 293 7.45 -19.77 8.87
CA VAL A 293 8.43 -18.78 8.47
C VAL A 293 8.75 -17.85 9.63
N ARG A 294 10.05 -17.56 9.80
CA ARG A 294 10.44 -16.56 10.76
C ARG A 294 11.14 -15.39 10.05
N ILE A 295 10.73 -14.19 10.42
CA ILE A 295 11.31 -12.97 9.90
C ILE A 295 11.90 -12.18 11.06
N GLY A 296 13.22 -11.98 10.98
CA GLY A 296 13.96 -11.24 12.00
C GLY A 296 13.75 -9.73 11.97
N THR A 297 14.32 -9.07 12.97
CA THR A 297 14.10 -7.65 13.14
C THR A 297 14.62 -6.86 11.95
N GLY A 298 13.85 -5.85 11.55
CA GLY A 298 14.30 -4.88 10.56
C GLY A 298 14.07 -5.24 9.11
N CYS A 299 13.53 -6.40 8.80
CA CYS A 299 13.44 -6.82 7.40
C CYS A 299 12.39 -6.06 6.61
N VAL A 300 12.65 -5.92 5.33
CA VAL A 300 11.73 -5.33 4.36
C VAL A 300 11.51 -6.34 3.22
N LEU A 301 10.27 -6.71 3.01
CA LEU A 301 9.87 -7.65 1.98
C LEU A 301 8.88 -6.97 1.05
N LYS A 302 9.15 -7.01 -0.24
CA LYS A 302 8.27 -6.42 -1.24
C LYS A 302 8.05 -7.37 -2.41
N ASN A 303 6.81 -7.80 -2.59
CA ASN A 303 6.44 -8.72 -3.65
C ASN A 303 7.29 -10.01 -3.68
N CYS A 304 7.24 -10.76 -2.60
CA CYS A 304 8.11 -11.91 -2.39
C CYS A 304 7.26 -13.13 -2.05
N VAL A 305 7.78 -14.31 -2.33
CA VAL A 305 7.18 -15.57 -1.89
C VAL A 305 8.23 -16.30 -1.07
N ILE A 306 7.88 -16.62 0.16
CA ILE A 306 8.80 -17.27 1.09
C ILE A 306 8.20 -18.63 1.52
N GLY A 307 8.91 -19.72 1.23
CA GLY A 307 8.38 -21.06 1.49
C GLY A 307 8.46 -21.52 2.93
N ASP A 308 7.76 -22.62 3.21
CA ASP A 308 7.65 -23.19 4.54
C ASP A 308 8.98 -23.28 5.25
N ASP A 309 8.98 -22.93 6.54
CA ASP A 309 10.14 -23.16 7.40
C ASP A 309 11.36 -22.35 7.04
N SER A 310 11.23 -21.37 6.17
CA SER A 310 12.34 -20.47 5.88
C SER A 310 12.57 -19.46 7.00
N GLU A 311 13.82 -19.03 7.12
CA GLU A 311 14.17 -18.07 8.13
C GLU A 311 14.93 -16.92 7.51
N ILE A 312 14.35 -15.73 7.66
CA ILE A 312 14.98 -14.50 7.22
C ILE A 312 15.57 -13.81 8.45
N SER A 313 16.89 -13.65 8.44
CA SER A 313 17.60 -13.13 9.59
C SER A 313 17.53 -11.60 9.54
N PRO A 314 17.87 -10.93 10.67
CA PRO A 314 17.74 -9.46 10.73
C PRO A 314 18.35 -8.67 9.59
N TYR A 315 17.74 -7.52 9.34
CA TYR A 315 18.26 -6.50 8.43
C TYR A 315 18.54 -7.08 7.06
N THR A 316 17.51 -7.77 6.56
CA THR A 316 17.51 -8.28 5.20
C THR A 316 16.41 -7.59 4.38
N VAL A 317 16.79 -7.20 3.18
CA VAL A 317 15.91 -6.52 2.24
C VAL A 317 15.70 -7.45 1.03
N LEU A 318 14.43 -7.72 0.72
CA LEU A 318 14.05 -8.55 -0.41
C LEU A 318 13.00 -7.86 -1.27
N GLU A 319 13.18 -7.95 -2.58
CA GLU A 319 12.18 -7.48 -3.53
C GLU A 319 12.06 -8.40 -4.74
N ASP A 320 10.83 -8.83 -5.05
CA ASP A 320 10.58 -9.72 -6.18
C ASP A 320 11.48 -10.97 -6.10
N ALA A 321 11.56 -11.51 -4.89
CA ALA A 321 12.43 -12.64 -4.61
C ALA A 321 11.59 -13.85 -4.21
N ARG A 322 12.12 -15.04 -4.45
CA ARG A 322 11.44 -16.27 -4.08
C ARG A 322 12.38 -17.17 -3.30
N LEU A 323 11.92 -17.56 -2.11
CA LEU A 323 12.54 -18.63 -1.37
C LEU A 323 11.65 -19.84 -1.36
N ASP A 324 12.22 -21.00 -1.67
CA ASP A 324 11.51 -22.27 -1.52
C ASP A 324 11.55 -22.70 -0.03
N ALA A 325 11.18 -23.94 0.31
CA ALA A 325 11.17 -24.33 1.73
C ALA A 325 12.57 -24.46 2.34
N ASN A 326 12.67 -24.20 3.64
CA ASN A 326 13.87 -24.47 4.42
C ASN A 326 15.07 -23.63 4.02
N CYS A 327 14.81 -22.44 3.50
CA CYS A 327 15.89 -21.55 3.10
C CYS A 327 16.27 -20.62 4.24
N THR A 328 17.52 -20.18 4.23
CA THR A 328 17.97 -19.20 5.20
C THR A 328 18.64 -18.06 4.48
N VAL A 329 18.30 -16.84 4.87
CA VAL A 329 18.89 -15.66 4.25
CA VAL A 329 18.87 -15.64 4.25
C VAL A 329 19.21 -14.59 5.31
N GLY A 330 20.38 -13.98 5.19
CA GLY A 330 20.79 -12.89 6.05
C GLY A 330 21.64 -13.40 7.19
N PRO A 331 21.95 -12.54 8.17
CA PRO A 331 21.53 -11.15 8.19
C PRO A 331 22.29 -10.29 7.18
N PHE A 332 21.82 -9.08 6.97
CA PHE A 332 22.44 -8.12 6.06
C PHE A 332 22.56 -8.67 4.63
N ALA A 333 21.51 -9.32 4.13
CA ALA A 333 21.52 -9.75 2.75
C ALA A 333 20.54 -8.88 1.97
N ARG A 334 20.78 -8.83 0.66
CA ARG A 334 20.03 -7.98 -0.24
C ARG A 334 19.63 -8.79 -1.48
N LEU A 335 18.36 -9.15 -1.53
CA LEU A 335 17.81 -9.88 -2.67
C LEU A 335 16.99 -8.96 -3.57
N ARG A 336 17.41 -8.89 -4.82
CA ARG A 336 16.83 -8.00 -5.79
C ARG A 336 15.96 -8.81 -6.74
N PRO A 337 15.23 -8.12 -7.62
CA PRO A 337 14.29 -8.85 -8.48
C PRO A 337 14.92 -10.00 -9.29
N GLY A 338 14.23 -11.13 -9.25
CA GLY A 338 14.67 -12.30 -9.96
C GLY A 338 15.54 -13.18 -9.07
N ALA A 339 15.83 -12.76 -7.84
CA ALA A 339 16.58 -13.65 -6.95
C ALA A 339 15.70 -14.82 -6.54
N GLU A 340 16.23 -16.03 -6.69
CA GLU A 340 15.48 -17.27 -6.39
C GLU A 340 16.37 -18.28 -5.66
N LEU A 341 15.88 -18.79 -4.53
CA LEU A 341 16.58 -19.84 -3.78
C LEU A 341 15.75 -21.11 -3.79
N ALA A 342 16.37 -22.20 -4.25
CA ALA A 342 15.73 -23.50 -4.22
C ALA A 342 15.79 -24.05 -2.81
N GLU A 343 15.13 -25.18 -2.58
CA GLU A 343 14.98 -25.75 -1.26
CA GLU A 343 14.99 -25.71 -1.23
C GLU A 343 16.31 -25.88 -0.52
N GLY A 344 16.34 -25.39 0.72
CA GLY A 344 17.53 -25.51 1.54
C GLY A 344 18.70 -24.59 1.20
N ALA A 345 18.54 -23.67 0.25
CA ALA A 345 19.65 -22.78 -0.08
C ALA A 345 19.89 -21.76 1.04
N HIS A 346 21.09 -21.18 1.04
CA HIS A 346 21.50 -20.26 2.07
C HIS A 346 22.24 -19.07 1.45
N VAL A 347 21.82 -17.89 1.84
CA VAL A 347 22.51 -16.65 1.49
C VAL A 347 22.84 -15.94 2.78
N GLY A 348 24.11 -15.59 2.96
CA GLY A 348 24.58 -15.09 4.24
C GLY A 348 24.73 -13.57 4.27
N ASN A 349 25.62 -13.07 5.13
CA ASN A 349 25.82 -11.63 5.26
C ASN A 349 26.62 -10.92 4.19
N PHE A 350 26.17 -9.72 3.84
CA PHE A 350 26.84 -8.88 2.86
C PHE A 350 26.88 -9.59 1.49
N VAL A 351 25.78 -10.27 1.16
CA VAL A 351 25.58 -10.90 -0.14
C VAL A 351 24.40 -10.25 -0.85
N GLU A 352 24.60 -9.94 -2.12
CA GLU A 352 23.58 -9.35 -3.01
C GLU A 352 23.30 -10.35 -4.15
N ILE A 353 22.02 -10.65 -4.34
CA ILE A 353 21.60 -11.57 -5.37
C ILE A 353 20.64 -10.81 -6.27
N LYS A 354 20.87 -10.87 -7.58
CA LYS A 354 20.01 -10.19 -8.57
C LYS A 354 19.82 -11.11 -9.78
N LYS A 355 18.58 -11.37 -10.16
CA LYS A 355 18.28 -12.17 -11.36
C LYS A 355 19.20 -13.39 -11.44
N ALA A 356 19.20 -14.14 -10.34
CA ALA A 356 20.06 -15.28 -10.17
C ALA A 356 19.31 -16.31 -9.36
N ARG A 357 19.51 -17.56 -9.66
CA ARG A 357 18.98 -18.70 -8.99
CA ARG A 357 19.07 -18.71 -8.99
C ARG A 357 20.13 -19.56 -8.32
N LEU A 358 19.85 -19.89 -7.08
CA LEU A 358 20.75 -20.71 -6.30
C LEU A 358 20.04 -22.03 -6.04
N GLY A 359 20.62 -23.13 -6.51
CA GLY A 359 19.93 -24.43 -6.46
C GLY A 359 19.95 -25.08 -5.09
N LYS A 360 19.41 -26.30 -5.01
CA LYS A 360 19.10 -26.92 -3.72
C LYS A 360 20.33 -27.09 -2.87
N GLY A 361 20.24 -26.65 -1.62
CA GLY A 361 21.31 -26.81 -0.66
C GLY A 361 22.55 -25.98 -0.96
N SER A 362 22.50 -25.12 -1.96
CA SER A 362 23.68 -24.32 -2.28
C SER A 362 23.83 -23.13 -1.35
N LYS A 363 25.08 -22.71 -1.15
CA LYS A 363 25.40 -21.72 -0.12
C LYS A 363 26.26 -20.60 -0.67
N ALA A 364 25.83 -19.36 -0.40
CA ALA A 364 26.63 -18.16 -0.62
C ALA A 364 26.66 -17.35 0.67
N GLY A 365 27.61 -17.66 1.54
CA GLY A 365 27.59 -17.16 2.92
C GLY A 365 28.14 -15.76 3.19
N HIS A 366 28.90 -15.18 2.27
CA HIS A 366 29.56 -13.92 2.60
C HIS A 366 30.08 -13.08 1.43
N LEU A 367 29.80 -11.79 1.50
CA LEU A 367 30.60 -10.78 0.80
C LEU A 367 30.67 -11.09 -0.69
N SER A 368 29.52 -11.43 -1.27
CA SER A 368 29.46 -11.86 -2.66
C SER A 368 28.38 -11.10 -3.40
N TYR A 369 28.60 -10.96 -4.69
CA TYR A 369 27.64 -10.42 -5.63
C TYR A 369 27.37 -11.46 -6.70
N LEU A 370 26.13 -11.93 -6.75
CA LEU A 370 25.70 -12.91 -7.74
C LEU A 370 24.54 -12.34 -8.56
N GLY A 371 24.85 -11.99 -9.79
CA GLY A 371 23.90 -11.42 -10.72
C GLY A 371 23.88 -12.15 -12.04
N ASP A 372 22.67 -12.25 -12.60
CA ASP A 372 22.47 -12.86 -13.92
C ASP A 372 23.15 -14.22 -13.98
N ALA A 373 22.79 -15.09 -13.03
CA ALA A 373 23.47 -16.35 -12.84
C ALA A 373 22.51 -17.49 -12.61
N GLU A 374 22.85 -18.64 -13.17
CA GLU A 374 22.16 -19.89 -12.93
C GLU A 374 23.13 -20.80 -12.19
N ILE A 375 22.88 -21.01 -10.90
CA ILE A 375 23.78 -21.78 -10.06
C ILE A 375 23.10 -23.07 -9.61
N GLY A 376 23.78 -24.19 -9.81
CA GLY A 376 23.22 -25.51 -9.52
C GLY A 376 23.08 -25.85 -8.03
N ALA A 377 22.81 -27.13 -7.79
CA ALA A 377 22.64 -27.68 -6.46
C ALA A 377 23.96 -28.12 -5.86
N GLY A 378 24.08 -28.06 -4.53
CA GLY A 378 25.28 -28.51 -3.84
C GLY A 378 26.49 -27.64 -4.08
N VAL A 379 26.27 -26.38 -4.47
CA VAL A 379 27.35 -25.46 -4.77
C VAL A 379 27.75 -24.68 -3.55
N ASN A 380 29.07 -24.55 -3.35
CA ASN A 380 29.59 -23.64 -2.36
C ASN A 380 30.26 -22.44 -3.02
N ILE A 381 29.67 -21.28 -2.79
CA ILE A 381 30.19 -20.02 -3.29
C ILE A 381 31.01 -19.39 -2.16
N GLY A 382 32.32 -19.38 -2.30
CA GLY A 382 33.18 -18.84 -1.25
C GLY A 382 33.01 -17.34 -1.05
N ALA A 383 33.37 -16.90 0.14
CA ALA A 383 33.37 -15.48 0.45
C ALA A 383 34.09 -14.67 -0.63
N GLY A 384 33.55 -13.53 -0.99
CA GLY A 384 34.26 -12.63 -1.88
C GLY A 384 34.05 -12.90 -3.36
N THR A 385 33.26 -13.92 -3.68
CA THR A 385 32.97 -14.25 -5.08
C THR A 385 32.05 -13.20 -5.73
N ILE A 386 32.38 -12.84 -6.96
CA ILE A 386 31.69 -11.83 -7.73
CA ILE A 386 31.66 -11.84 -7.73
C ILE A 386 31.46 -12.28 -9.17
N THR A 387 30.22 -12.15 -9.65
CA THR A 387 29.96 -12.31 -11.07
C THR A 387 30.16 -10.96 -11.75
N CYS A 388 31.04 -10.92 -12.73
CA CYS A 388 31.20 -9.76 -13.59
CA CYS A 388 31.20 -9.75 -13.60
C CYS A 388 30.24 -9.89 -14.75
N ASN A 389 29.06 -9.31 -14.59
CA ASN A 389 27.95 -9.49 -15.50
C ASN A 389 27.80 -8.32 -16.45
N TYR A 390 28.66 -7.32 -16.34
CA TYR A 390 28.48 -6.06 -17.08
C TYR A 390 29.74 -5.59 -17.79
N ASP A 391 29.61 -5.23 -19.06
CA ASP A 391 30.77 -4.76 -19.83
C ASP A 391 30.68 -3.26 -20.15
N GLY A 392 29.71 -2.57 -19.56
CA GLY A 392 29.53 -1.15 -19.80
C GLY A 392 28.46 -0.86 -20.84
N ALA A 393 28.00 -1.90 -21.53
CA ALA A 393 26.93 -1.75 -22.51
C ALA A 393 25.84 -2.78 -22.28
N ASN A 394 26.24 -4.04 -22.12
CA ASN A 394 25.30 -5.13 -21.96
C ASN A 394 25.59 -5.98 -20.74
N LYS A 395 24.71 -6.93 -20.46
CA LYS A 395 24.88 -7.82 -19.32
C LYS A 395 24.91 -9.26 -19.82
N PHE A 396 25.65 -10.12 -19.13
CA PHE A 396 25.87 -11.49 -19.58
C PHE A 396 25.70 -12.50 -18.44
N LYS A 397 25.36 -13.74 -18.80
CA LYS A 397 25.08 -14.78 -17.82
C LYS A 397 26.24 -15.69 -17.41
N THR A 398 26.26 -16.00 -16.11
CA THR A 398 27.19 -16.97 -15.54
C THR A 398 26.40 -18.23 -15.21
N ILE A 399 26.94 -19.37 -15.60
CA ILE A 399 26.29 -20.66 -15.33
C ILE A 399 27.25 -21.52 -14.53
N ILE A 400 26.76 -22.00 -13.40
CA ILE A 400 27.53 -22.88 -12.53
C ILE A 400 26.73 -24.16 -12.32
N GLY A 401 27.33 -25.31 -12.64
CA GLY A 401 26.67 -26.60 -12.49
C GLY A 401 26.52 -27.07 -11.04
N ASP A 402 26.12 -28.34 -10.88
CA ASP A 402 25.97 -28.97 -9.57
C ASP A 402 27.33 -29.32 -8.93
N ASP A 403 27.40 -29.24 -7.61
CA ASP A 403 28.54 -29.76 -6.83
C ASP A 403 29.87 -29.06 -7.18
N VAL A 404 29.77 -27.77 -7.44
CA VAL A 404 30.90 -26.93 -7.73
C VAL A 404 31.36 -26.21 -6.44
N PHE A 405 32.68 -26.15 -6.28
CA PHE A 405 33.27 -25.44 -5.16
C PHE A 405 34.00 -24.23 -5.73
N VAL A 406 33.47 -23.05 -5.47
CA VAL A 406 34.13 -21.82 -5.91
C VAL A 406 34.93 -21.22 -4.77
N GLY A 407 36.25 -21.23 -4.91
CA GLY A 407 37.13 -20.68 -3.88
C GLY A 407 36.95 -19.19 -3.65
N SER A 408 37.34 -18.74 -2.46
CA SER A 408 37.13 -17.35 -2.06
C SER A 408 37.73 -16.33 -3.04
N ASP A 409 37.06 -15.20 -3.16
CA ASP A 409 37.57 -14.03 -3.90
C ASP A 409 37.83 -14.34 -5.38
N THR A 410 36.97 -15.18 -5.95
CA THR A 410 37.01 -15.50 -7.37
C THR A 410 36.11 -14.52 -8.11
N GLN A 411 36.51 -14.11 -9.31
CA GLN A 411 35.61 -13.40 -10.20
C GLN A 411 35.25 -14.31 -11.36
N LEU A 412 33.97 -14.38 -11.65
CA LEU A 412 33.48 -15.14 -12.80
C LEU A 412 33.10 -14.13 -13.86
N VAL A 413 33.80 -14.15 -14.99
CA VAL A 413 33.62 -13.14 -16.04
C VAL A 413 32.69 -13.67 -17.12
N ALA A 414 31.44 -13.21 -17.08
CA ALA A 414 30.41 -13.69 -17.97
C ALA A 414 30.60 -13.17 -19.39
N PRO A 415 30.13 -13.92 -20.41
CA PRO A 415 29.47 -15.23 -20.25
C PRO A 415 30.47 -16.35 -20.02
N VAL A 416 30.17 -17.22 -19.06
CA VAL A 416 31.05 -18.31 -18.75
C VAL A 416 30.29 -19.40 -18.05
N THR A 417 30.72 -20.63 -18.30
CA THR A 417 30.07 -21.80 -17.77
C THR A 417 31.08 -22.65 -16.99
N VAL A 418 30.69 -23.04 -15.78
CA VAL A 418 31.47 -23.92 -14.95
C VAL A 418 30.65 -25.22 -14.80
N ALA A 419 31.21 -26.33 -15.30
CA ALA A 419 30.50 -27.62 -15.32
C ALA A 419 30.44 -28.32 -13.94
N ASN A 420 29.60 -29.35 -13.85
CA ASN A 420 29.41 -30.07 -12.59
C ASN A 420 30.73 -30.54 -12.01
N GLY A 421 30.84 -30.44 -10.69
CA GLY A 421 31.89 -31.14 -9.99
C GLY A 421 33.19 -30.37 -9.98
N ALA A 422 33.25 -29.26 -10.68
CA ALA A 422 34.49 -28.49 -10.79
C ALA A 422 34.86 -27.81 -9.46
N THR A 423 36.13 -27.47 -9.34
CA THR A 423 36.67 -26.74 -8.19
C THR A 423 37.45 -25.54 -8.71
N ILE A 424 37.16 -24.35 -8.16
CA ILE A 424 37.88 -23.14 -8.52
C ILE A 424 38.70 -22.71 -7.31
N GLY A 425 40.00 -22.55 -7.50
CA GLY A 425 40.89 -22.13 -6.42
C GLY A 425 40.63 -20.70 -5.98
N ALA A 426 41.01 -20.39 -4.75
CA ALA A 426 40.85 -19.05 -4.24
C ALA A 426 41.57 -18.07 -5.16
N GLY A 427 40.97 -16.91 -5.35
CA GLY A 427 41.61 -15.83 -6.06
C GLY A 427 41.62 -15.98 -7.56
N THR A 428 40.80 -16.85 -8.12
CA THR A 428 40.84 -17.09 -9.57
C THR A 428 39.99 -16.09 -10.33
N THR A 429 40.49 -15.68 -11.49
CA THR A 429 39.69 -14.92 -12.44
C THR A 429 39.27 -15.87 -13.56
N VAL A 430 38.01 -16.27 -13.54
CA VAL A 430 37.52 -17.27 -14.50
C VAL A 430 36.96 -16.58 -15.72
N THR A 431 37.63 -16.76 -16.86
CA THR A 431 37.19 -16.13 -18.12
C THR A 431 36.81 -17.14 -19.19
N ARG A 432 37.14 -18.40 -19.00
CA ARG A 432 36.84 -19.42 -20.00
C ARG A 432 36.17 -20.59 -19.33
N ASP A 433 35.33 -21.31 -20.06
CA ASP A 433 34.52 -22.38 -19.49
C ASP A 433 35.38 -23.40 -18.76
N VAL A 434 34.82 -23.93 -17.67
CA VAL A 434 35.48 -24.95 -16.87
C VAL A 434 34.76 -26.28 -17.05
N ALA A 435 35.54 -27.33 -17.37
CA ALA A 435 35.00 -28.66 -17.67
C ALA A 435 34.65 -29.49 -16.41
N GLU A 436 33.83 -30.52 -16.60
CA GLU A 436 33.38 -31.34 -15.48
C GLU A 436 34.55 -31.88 -14.65
N ASN A 437 34.44 -31.78 -13.33
CA ASN A 437 35.46 -32.28 -12.41
C ASN A 437 36.86 -31.69 -12.57
N GLU A 438 36.95 -30.53 -13.21
CA GLU A 438 38.24 -29.86 -13.40
C GLU A 438 38.56 -28.96 -12.21
N LEU A 439 39.82 -28.95 -11.79
CA LEU A 439 40.33 -27.93 -10.87
C LEU A 439 41.01 -26.84 -11.69
N VAL A 440 40.63 -25.61 -11.41
N VAL A 440 40.63 -25.59 -11.45
CA VAL A 440 41.27 -24.45 -12.00
CA VAL A 440 41.32 -24.46 -12.08
C VAL A 440 41.85 -23.59 -10.89
C VAL A 440 41.82 -23.48 -11.01
N ILE A 441 43.11 -23.21 -11.05
CA ILE A 441 43.76 -22.41 -10.06
C ILE A 441 44.86 -21.56 -10.58
N SER A 442 44.94 -20.38 -10.03
CA SER A 442 45.91 -19.40 -10.46
C SER A 442 47.27 -19.80 -9.89
N ARG A 443 48.27 -19.87 -10.77
CA ARG A 443 49.64 -20.13 -10.32
C ARG A 443 50.41 -18.84 -10.45
N VAL A 444 50.19 -17.92 -9.52
CA VAL A 444 50.93 -16.66 -9.55
C VAL A 444 52.20 -16.73 -8.69
N LYS A 445 53.27 -16.17 -9.22
CA LYS A 445 54.54 -16.14 -8.53
C LYS A 445 54.60 -14.94 -7.59
N GLN A 446 55.21 -15.15 -6.43
CA GLN A 446 55.38 -14.09 -5.45
C GLN A 446 56.86 -13.80 -5.27
N VAL A 447 57.14 -12.64 -4.70
CA VAL A 447 58.46 -12.27 -4.32
C VAL A 447 58.38 -12.31 -2.80
N HIS A 448 59.39 -12.86 -2.16
CA HIS A 448 59.51 -12.80 -0.73
C HIS A 448 60.72 -12.01 -0.44
N ILE A 449 60.60 -10.98 0.34
CA ILE A 449 61.73 -10.18 0.71
C ILE A 449 61.94 -10.28 2.21
N GLN A 450 63.13 -10.71 2.62
CA GLN A 450 63.44 -10.85 4.04
C GLN A 450 63.76 -9.50 4.65
N GLY A 451 63.37 -9.31 5.90
CA GLY A 451 63.69 -8.11 6.67
C GLY A 451 63.11 -6.81 6.12
N TRP A 452 61.88 -6.85 5.64
CA TRP A 452 61.25 -5.66 5.06
C TRP A 452 60.83 -4.65 6.14
#